data_5CM4
#
_entry.id   5CM4
#
_cell.length_a   105.583
_cell.length_b   111.738
_cell.length_c   75.370
_cell.angle_alpha   90.00
_cell.angle_beta   90.00
_cell.angle_gamma   90.00
#
_symmetry.space_group_name_H-M   'C 2 2 21'
#
loop_
_entity.id
_entity.type
_entity.pdbx_description
1 polymer Frizzled-4
2 branched 2-acetamido-2-deoxy-beta-D-glucopyranose-(1-4)-2-acetamido-2-deoxy-beta-D-glucopyranose
3 non-polymer 2-acetamido-2-deoxy-beta-D-glucopyranose
4 water water
#
_entity_poly.entity_id   1
_entity_poly.type   'polypeptide(L)'
_entity_poly.pdbx_seq_one_letter_code
;EEERRCDPIRISMCQNLGYNVTKMPNLVGHELQTDAELQLTTFTPLIQYGCSSQLQFFLCSVYVPMCTEKINIPIGPCGG
MCLSVKRRCEPVLKEFGFAWPESLNCSKFPPQNDHNHMCMEGPGD
;
_entity_poly.pdbx_strand_id   A,B
#
loop_
_chem_comp.id
_chem_comp.type
_chem_comp.name
_chem_comp.formula
NAG D-saccharide, beta linking 2-acetamido-2-deoxy-beta-D-glucopyranose 'C8 H15 N O6'
#
# COMPACT_ATOMS: atom_id res chain seq x y z
N ARG A 5 25.39 -2.58 -7.57
CA ARG A 5 24.77 -3.42 -8.65
C ARG A 5 23.26 -3.50 -8.51
N CYS A 6 22.75 -3.29 -7.30
CA CYS A 6 21.33 -3.42 -7.09
C CYS A 6 20.71 -2.10 -6.60
N ASP A 7 19.57 -1.72 -7.20
CA ASP A 7 18.88 -0.48 -6.83
C ASP A 7 17.69 -0.62 -5.87
N PRO A 8 17.59 0.29 -4.90
CA PRO A 8 16.47 0.23 -3.96
C PRO A 8 15.11 0.46 -4.65
N ILE A 9 14.06 -0.09 -4.06
CA ILE A 9 12.72 -0.06 -4.63
C ILE A 9 12.06 1.27 -4.31
N ARG A 10 11.74 2.05 -5.34
CA ARG A 10 11.16 3.38 -5.15
C ARG A 10 9.62 3.36 -5.15
N ILE A 11 9.04 2.23 -5.55
CA ILE A 11 7.58 2.09 -5.67
C ILE A 11 6.93 1.85 -4.31
N SER A 12 5.98 2.71 -3.93
CA SER A 12 5.42 2.69 -2.57
C SER A 12 4.57 1.48 -2.25
N MET A 13 3.88 0.93 -3.24
CA MET A 13 3.05 -0.25 -3.00
C MET A 13 3.90 -1.52 -2.92
N CYS A 14 5.18 -1.41 -3.25
CA CYS A 14 6.08 -2.54 -3.21
C CYS A 14 7.08 -2.51 -2.05
N GLN A 15 6.78 -1.81 -0.97
CA GLN A 15 7.84 -1.55 0.02
C GLN A 15 7.93 -2.41 1.28
N ASN A 16 7.01 -3.34 1.43
CA ASN A 16 6.94 -4.23 2.63
C ASN A 16 7.25 -5.76 2.31
N LEU A 17 7.75 -6.11 1.11
CA LEU A 17 7.85 -7.51 0.65
C LEU A 17 8.76 -8.53 1.36
N GLY A 18 9.85 -8.10 1.97
CA GLY A 18 10.85 -9.05 2.44
C GLY A 18 12.14 -8.89 1.65
N TYR A 19 12.06 -8.22 0.52
CA TYR A 19 13.26 -7.68 -0.13
C TYR A 19 13.01 -6.23 -0.50
N ASN A 20 14.06 -5.44 -0.68
CA ASN A 20 13.85 -4.01 -0.90
C ASN A 20 14.78 -3.47 -1.93
N VAL A 21 15.35 -4.38 -2.70
CA VAL A 21 16.21 -3.97 -3.77
C VAL A 21 15.86 -4.70 -5.05
N THR A 22 16.09 -4.06 -6.19
CA THR A 22 15.65 -4.59 -7.46
C THR A 22 16.64 -4.18 -8.53
N LYS A 23 16.47 -4.71 -9.74
CA LYS A 23 17.23 -4.26 -10.89
C LYS A 23 16.31 -4.25 -12.11
N MET A 24 16.26 -3.12 -12.81
CA MET A 24 15.47 -3.05 -14.03
C MET A 24 16.36 -3.53 -15.18
N PRO A 25 15.78 -4.06 -16.27
CA PRO A 25 14.35 -4.14 -16.59
C PRO A 25 13.59 -5.22 -15.82
N ASN A 26 12.31 -4.96 -15.57
CA ASN A 26 11.49 -5.94 -14.87
C ASN A 26 10.95 -7.00 -15.81
N LEU A 27 10.10 -7.89 -15.31
CA LEU A 27 9.68 -9.06 -16.12
C LEU A 27 8.61 -8.69 -17.12
N VAL A 28 8.26 -7.43 -17.14
CA VAL A 28 7.26 -6.97 -18.08
C VAL A 28 7.89 -6.02 -19.11
N GLY A 29 9.17 -5.69 -18.94
CA GLY A 29 9.86 -4.88 -19.95
C GLY A 29 10.21 -3.43 -19.60
N HIS A 30 9.81 -2.93 -18.42
CA HIS A 30 10.09 -1.53 -18.08
C HIS A 30 11.57 -1.37 -17.76
N GLU A 31 12.21 -0.34 -18.31
CA GLU A 31 13.55 0.04 -17.85
C GLU A 31 13.46 0.92 -16.60
N LEU A 32 12.32 1.53 -16.37
CA LEU A 32 12.22 2.51 -15.31
C LEU A 32 11.18 2.14 -14.27
N GLN A 33 11.57 2.21 -13.01
CA GLN A 33 10.64 1.96 -11.91
C GLN A 33 9.40 2.83 -12.01
N THR A 34 9.58 4.07 -12.42
CA THR A 34 8.48 5.02 -12.43
C THR A 34 7.36 4.58 -13.43
N ASP A 35 7.75 4.06 -14.60
CA ASP A 35 6.77 3.51 -15.54
C ASP A 35 6.04 2.31 -14.96
N ALA A 36 6.78 1.48 -14.23
CA ALA A 36 6.20 0.31 -13.60
C ALA A 36 5.18 0.75 -12.54
N GLU A 37 5.52 1.76 -11.75
CA GLU A 37 4.60 2.28 -10.72
C GLU A 37 3.32 2.78 -11.36
N LEU A 38 3.44 3.49 -12.47
CA LEU A 38 2.26 3.94 -13.20
C LEU A 38 1.36 2.77 -13.67
N GLN A 39 1.97 1.75 -14.28
CA GLN A 39 1.25 0.58 -14.75
C GLN A 39 0.63 -0.18 -13.57
N LEU A 40 1.31 -0.20 -12.43
CA LEU A 40 0.77 -0.88 -11.25
C LEU A 40 -0.60 -0.37 -10.81
N THR A 41 -0.86 0.93 -11.02
CA THR A 41 -2.11 1.56 -10.55
C THR A 41 -3.34 0.92 -11.18
N THR A 42 -3.16 0.34 -12.36
CA THR A 42 -4.22 -0.42 -13.02
C THR A 42 -4.80 -1.55 -12.17
N PHE A 43 -4.02 -2.01 -11.20
CA PHE A 43 -4.39 -3.16 -10.40
C PHE A 43 -4.88 -2.83 -9.01
N THR A 44 -4.86 -1.56 -8.62
CA THR A 44 -5.25 -1.24 -7.26
C THR A 44 -6.70 -1.62 -6.90
N PRO A 45 -7.68 -1.49 -7.85
CA PRO A 45 -9.02 -2.01 -7.52
C PRO A 45 -9.01 -3.48 -7.13
N LEU A 46 -8.27 -4.28 -7.88
CA LEU A 46 -8.12 -5.70 -7.57
C LEU A 46 -7.49 -5.89 -6.19
N ILE A 47 -6.49 -5.08 -5.88
CA ILE A 47 -5.80 -5.21 -4.61
C ILE A 47 -6.76 -4.81 -3.49
N GLN A 48 -7.49 -3.72 -3.68
CA GLN A 48 -8.48 -3.29 -2.73
C GLN A 48 -9.56 -4.35 -2.47
N TYR A 49 -10.00 -5.01 -3.55
CA TYR A 49 -11.01 -6.03 -3.46
C TYR A 49 -10.58 -7.22 -2.59
N GLY A 50 -9.32 -7.58 -2.66
CA GLY A 50 -8.81 -8.66 -1.85
C GLY A 50 -9.15 -10.04 -2.37
N CYS A 51 -8.99 -10.26 -3.67
CA CYS A 51 -9.23 -11.59 -4.24
C CYS A 51 -8.14 -12.59 -3.87
N SER A 52 -6.92 -12.11 -3.67
CA SER A 52 -5.83 -12.98 -3.24
C SER A 52 -4.87 -12.25 -2.34
N SER A 53 -4.57 -12.85 -1.19
CA SER A 53 -3.62 -12.26 -0.24
C SER A 53 -2.21 -12.18 -0.86
N GLN A 54 -1.98 -12.95 -1.92
CA GLN A 54 -0.68 -12.95 -2.60
C GLN A 54 -0.55 -12.00 -3.78
N LEU A 55 -1.62 -11.26 -4.13
CA LEU A 55 -1.61 -10.48 -5.37
C LEU A 55 -0.54 -9.40 -5.32
N GLN A 56 -0.47 -8.67 -4.21
CA GLN A 56 0.49 -7.58 -4.13
C GLN A 56 1.91 -8.11 -4.31
N PHE A 57 2.26 -9.16 -3.56
CA PHE A 57 3.59 -9.72 -3.65
C PHE A 57 3.89 -10.21 -5.07
N PHE A 58 2.93 -10.89 -5.67
CA PHE A 58 3.10 -11.38 -7.04
C PHE A 58 3.36 -10.25 -8.05
N LEU A 59 2.60 -9.16 -7.96
CA LEU A 59 2.76 -8.04 -8.88
C LEU A 59 4.11 -7.35 -8.67
N CYS A 60 4.45 -7.08 -7.41
CA CYS A 60 5.75 -6.51 -7.08
C CYS A 60 6.91 -7.39 -7.55
N SER A 61 6.78 -8.70 -7.42
CA SER A 61 7.83 -9.64 -7.85
C SER A 61 8.00 -9.62 -9.37
N VAL A 62 6.96 -9.19 -10.09
CA VAL A 62 7.00 -9.09 -11.56
C VAL A 62 7.49 -7.69 -11.98
N TYR A 63 6.93 -6.66 -11.36
CA TYR A 63 7.18 -5.27 -11.73
C TYR A 63 8.45 -4.70 -11.15
N VAL A 64 8.86 -5.24 -9.99
CA VAL A 64 10.08 -4.78 -9.34
C VAL A 64 10.79 -6.03 -8.74
N PRO A 65 11.26 -6.94 -9.61
CA PRO A 65 11.77 -8.24 -9.21
C PRO A 65 13.02 -8.16 -8.32
N MET A 66 13.20 -9.17 -7.47
CA MET A 66 14.31 -9.14 -6.50
C MET A 66 15.66 -9.17 -7.16
N CYS A 67 16.54 -8.29 -6.71
CA CYS A 67 17.95 -8.30 -7.13
C CYS A 67 18.83 -8.66 -5.95
N THR A 68 19.91 -9.38 -6.23
CA THR A 68 20.96 -9.60 -5.23
C THR A 68 22.32 -9.60 -5.91
N GLU A 69 23.34 -9.21 -5.15
CA GLU A 69 24.71 -9.11 -5.68
C GLU A 69 25.21 -10.45 -6.21
N LYS A 70 24.80 -11.55 -5.57
CA LYS A 70 25.27 -12.88 -5.95
C LYS A 70 24.66 -13.45 -7.23
N ILE A 71 23.56 -12.87 -7.68
CA ILE A 71 22.84 -13.41 -8.84
C ILE A 71 22.75 -12.37 -9.95
N ASN A 72 22.97 -12.78 -11.19
CA ASN A 72 22.92 -11.87 -12.34
C ASN A 72 21.60 -11.74 -13.06
N ILE A 73 20.58 -12.41 -12.55
CA ILE A 73 19.28 -12.30 -13.16
C ILE A 73 18.24 -11.81 -12.16
N PRO A 74 17.24 -11.08 -12.68
CA PRO A 74 16.12 -10.67 -11.83
C PRO A 74 15.41 -11.90 -11.28
N ILE A 75 15.08 -11.89 -10.01
CA ILE A 75 14.37 -13.02 -9.44
C ILE A 75 12.89 -12.69 -9.29
N GLY A 76 12.07 -13.39 -10.07
CA GLY A 76 10.64 -13.15 -10.11
C GLY A 76 9.87 -14.24 -9.38
N PRO A 77 8.56 -14.29 -9.63
CA PRO A 77 7.66 -15.25 -9.02
C PRO A 77 7.77 -16.66 -9.63
N CYS A 78 7.45 -17.67 -8.83
CA CYS A 78 7.29 -19.02 -9.35
C CYS A 78 5.92 -19.18 -10.03
N GLY A 79 5.89 -20.04 -11.05
CA GLY A 79 4.65 -20.34 -11.79
C GLY A 79 3.52 -20.81 -10.89
N GLY A 80 3.87 -21.43 -9.77
CA GLY A 80 2.88 -21.95 -8.86
C GLY A 80 2.07 -20.86 -8.21
N MET A 81 2.76 -19.83 -7.74
CA MET A 81 2.10 -18.68 -7.15
C MET A 81 1.28 -17.90 -8.19
N CYS A 82 1.82 -17.74 -9.40
CA CYS A 82 1.11 -17.12 -10.50
C CYS A 82 -0.21 -17.81 -10.78
N LEU A 83 -0.19 -19.14 -10.84
CA LEU A 83 -1.41 -19.93 -11.09
C LEU A 83 -2.42 -19.78 -9.98
N SER A 84 -1.92 -19.79 -8.75
CA SER A 84 -2.76 -19.56 -7.59
C SER A 84 -3.43 -18.19 -7.65
N VAL A 85 -2.66 -17.15 -7.98
CA VAL A 85 -3.16 -15.77 -7.98
C VAL A 85 -4.15 -15.59 -9.13
N LYS A 86 -3.78 -16.11 -10.31
CA LYS A 86 -4.67 -16.09 -11.46
C LYS A 86 -6.02 -16.73 -11.17
N ARG A 87 -5.99 -17.89 -10.51
CA ARG A 87 -7.21 -18.64 -10.18
C ARG A 87 -8.18 -17.78 -9.39
N ARG A 88 -7.63 -17.02 -8.46
CA ARG A 88 -8.45 -16.20 -7.58
C ARG A 88 -8.87 -14.86 -8.16
N CYS A 89 -7.95 -14.23 -8.91
CA CYS A 89 -8.13 -12.86 -9.39
C CYS A 89 -8.70 -12.74 -10.80
N GLU A 90 -8.39 -13.67 -11.70
CA GLU A 90 -8.99 -13.62 -13.04
C GLU A 90 -10.54 -13.58 -13.05
N PRO A 91 -11.21 -14.35 -12.18
CA PRO A 91 -12.65 -14.25 -12.14
C PRO A 91 -13.12 -12.82 -11.94
N VAL A 92 -12.40 -12.05 -11.13
CA VAL A 92 -12.78 -10.66 -10.84
C VAL A 92 -12.60 -9.79 -12.08
N LEU A 93 -11.48 -9.97 -12.76
CA LEU A 93 -11.25 -9.30 -14.03
C LEU A 93 -12.34 -9.59 -15.04
N LYS A 94 -12.72 -10.85 -15.13
CA LYS A 94 -13.70 -11.30 -16.16
C LYS A 94 -15.12 -10.81 -15.91
N GLU A 95 -15.54 -10.73 -14.64
CA GLU A 95 -16.88 -10.29 -14.34
C GLU A 95 -17.01 -8.82 -14.74
N PHE A 96 -15.88 -8.13 -14.82
CA PHE A 96 -15.89 -6.74 -15.25
C PHE A 96 -15.51 -6.60 -16.70
N GLY A 97 -15.44 -7.71 -17.42
CA GLY A 97 -15.15 -7.65 -18.83
C GLY A 97 -13.68 -7.55 -19.20
N PHE A 98 -12.78 -7.75 -18.24
CA PHE A 98 -11.35 -7.77 -18.55
C PHE A 98 -10.85 -9.20 -18.52
N ALA A 99 -9.55 -9.38 -18.71
CA ALA A 99 -8.94 -10.70 -18.70
C ALA A 99 -7.56 -10.67 -18.01
N TRP A 100 -7.03 -11.84 -17.71
CA TRP A 100 -5.69 -11.95 -17.15
C TRP A 100 -4.73 -11.57 -18.28
N PRO A 101 -3.91 -10.54 -18.06
CA PRO A 101 -3.12 -10.06 -19.19
C PRO A 101 -2.02 -11.04 -19.64
N GLU A 102 -1.71 -11.00 -20.93
CA GLU A 102 -0.65 -11.83 -21.50
C GLU A 102 0.69 -11.60 -20.80
N SER A 103 0.97 -10.35 -20.44
CA SER A 103 2.20 -10.05 -19.77
C SER A 103 2.34 -10.75 -18.42
N LEU A 104 1.24 -11.25 -17.84
CA LEU A 104 1.23 -12.06 -16.61
C LEU A 104 0.93 -13.54 -16.86
N ASN A 105 0.99 -13.98 -18.11
CA ASN A 105 0.86 -15.38 -18.48
C ASN A 105 1.75 -16.24 -17.63
N CYS A 106 1.17 -17.23 -16.94
CA CYS A 106 1.88 -18.01 -15.95
C CYS A 106 2.97 -18.91 -16.55
N SER A 107 2.95 -19.07 -17.85
CA SER A 107 3.96 -19.84 -18.54
C SER A 107 5.34 -19.18 -18.54
N LYS A 108 5.39 -17.86 -18.46
CA LYS A 108 6.68 -17.16 -18.55
C LYS A 108 7.47 -17.21 -17.23
N PHE A 109 6.91 -17.85 -16.22
CA PHE A 109 7.63 -18.01 -14.96
C PHE A 109 7.98 -19.47 -14.72
N PRO A 110 9.11 -19.71 -14.04
CA PRO A 110 9.55 -21.09 -13.78
C PRO A 110 8.55 -21.80 -12.86
N PRO A 111 8.32 -23.10 -13.11
CA PRO A 111 7.28 -23.84 -12.39
C PRO A 111 7.49 -23.95 -10.89
N GLN A 112 8.74 -24.07 -10.44
CA GLN A 112 8.99 -24.18 -9.01
C GLN A 112 10.39 -23.67 -8.72
N ASN A 113 10.71 -23.43 -7.45
CA ASN A 113 12.06 -23.01 -7.16
C ASN A 113 12.93 -24.24 -7.18
N ASP A 114 13.58 -24.41 -8.33
CA ASP A 114 14.40 -25.57 -8.62
C ASP A 114 15.81 -25.30 -8.15
N HIS A 115 16.72 -26.20 -8.49
CA HIS A 115 18.14 -25.90 -8.48
C HIS A 115 18.50 -25.61 -9.92
N ASN A 116 17.47 -25.70 -10.76
CA ASN A 116 17.59 -25.44 -12.19
C ASN A 116 16.99 -24.08 -12.59
N HIS A 117 16.19 -23.49 -11.70
CA HIS A 117 15.71 -22.12 -11.87
C HIS A 117 15.45 -21.53 -10.51
N MET A 118 15.66 -20.22 -10.40
CA MET A 118 15.38 -19.52 -9.16
C MET A 118 14.14 -18.67 -9.35
N CYS A 119 13.27 -18.69 -8.34
CA CYS A 119 12.10 -17.83 -8.30
C CYS A 119 11.57 -17.78 -6.89
N MET A 120 10.71 -16.80 -6.61
CA MET A 120 10.12 -16.72 -5.30
C MET A 120 8.77 -17.42 -5.38
N GLU A 121 8.28 -17.86 -4.22
CA GLU A 121 7.06 -18.69 -4.12
C GLU A 121 5.99 -18.25 -3.20
N GLY A 122 6.33 -17.36 -2.29
CA GLY A 122 5.36 -16.88 -1.34
C GLY A 122 5.85 -15.51 -1.00
N PRO A 123 5.22 -14.81 -0.03
CA PRO A 123 5.94 -13.62 0.46
C PRO A 123 7.18 -14.04 1.24
N GLY A 124 8.10 -14.71 0.57
CA GLY A 124 9.34 -15.11 1.14
C GLY A 124 10.19 -14.41 0.13
N ASP A 125 11.31 -13.89 0.58
CA ASP A 125 12.28 -13.24 -0.30
C ASP A 125 13.24 -14.32 -0.74
N ARG B 5 1.07 -3.34 25.12
CA ARG B 5 -0.34 -3.36 24.64
C ARG B 5 -0.42 -2.67 23.28
N CYS B 6 0.65 -1.97 22.93
CA CYS B 6 0.71 -1.19 21.71
C CYS B 6 1.74 -1.75 20.72
N ASP B 7 1.40 -1.77 19.43
CA ASP B 7 2.32 -2.28 18.40
C ASP B 7 3.05 -1.15 17.67
N PRO B 8 4.37 -1.31 17.48
CA PRO B 8 5.17 -0.28 16.81
C PRO B 8 4.71 -0.09 15.36
N ILE B 9 4.91 1.11 14.82
CA ILE B 9 4.41 1.40 13.48
C ILE B 9 5.39 0.85 12.45
N ARG B 10 4.93 -0.15 11.69
CA ARG B 10 5.77 -0.81 10.70
C ARG B 10 5.73 -0.05 9.37
N ILE B 11 4.74 0.82 9.21
CA ILE B 11 4.51 1.53 7.96
C ILE B 11 5.46 2.70 7.79
N SER B 12 6.23 2.67 6.71
CA SER B 12 7.35 3.58 6.51
C SER B 12 6.97 5.05 6.26
N MET B 13 5.84 5.28 5.60
CA MET B 13 5.40 6.65 5.33
C MET B 13 4.79 7.32 6.56
N CYS B 14 4.55 6.52 7.58
CA CYS B 14 3.96 6.99 8.83
C CYS B 14 4.95 7.08 9.99
N GLN B 15 6.24 7.15 9.68
CA GLN B 15 7.25 7.07 10.72
C GLN B 15 7.80 8.35 11.34
N ASN B 16 7.47 9.52 10.82
CA ASN B 16 7.92 10.68 11.57
C ASN B 16 6.81 11.58 12.12
N LEU B 17 6.04 11.10 13.08
CA LEU B 17 4.90 11.85 13.52
C LEU B 17 5.16 11.89 14.99
N GLY B 18 4.30 12.55 15.75
CA GLY B 18 4.57 12.73 17.16
C GLY B 18 4.69 11.40 17.90
N TYR B 19 4.26 10.32 17.25
CA TYR B 19 4.19 9.00 17.87
C TYR B 19 4.83 7.85 17.08
N ASN B 20 5.33 6.86 17.82
CA ASN B 20 5.97 5.66 17.27
C ASN B 20 5.11 4.38 17.37
N VAL B 21 3.93 4.46 18.00
CA VAL B 21 3.13 3.25 18.27
C VAL B 21 1.64 3.35 17.93
N THR B 22 1.03 2.21 17.60
CA THR B 22 -0.37 2.18 17.17
C THR B 22 -1.06 0.89 17.65
N LYS B 23 -2.35 0.78 17.41
CA LYS B 23 -3.09 -0.45 17.70
C LYS B 23 -4.13 -0.74 16.63
N MET B 24 -4.09 -1.94 16.08
CA MET B 24 -5.13 -2.36 15.15
C MET B 24 -6.28 -2.99 15.97
N PRO B 25 -7.53 -2.88 15.49
CA PRO B 25 -7.97 -2.30 14.22
C PRO B 25 -7.95 -0.77 14.16
N ASN B 26 -7.61 -0.23 12.99
CA ASN B 26 -7.58 1.22 12.81
C ASN B 26 -8.98 1.81 12.64
N LEU B 27 -9.04 3.10 12.33
CA LEU B 27 -10.32 3.80 12.29
C LEU B 27 -11.05 3.51 11.00
N VAL B 28 -10.42 2.72 10.15
CA VAL B 28 -11.00 2.35 8.88
C VAL B 28 -11.41 0.85 8.84
N GLY B 29 -11.01 0.09 9.86
CA GLY B 29 -11.44 -1.31 9.98
C GLY B 29 -10.41 -2.41 9.79
N HIS B 30 -9.22 -2.07 9.31
CA HIS B 30 -8.17 -3.06 9.08
C HIS B 30 -7.69 -3.72 10.38
N GLU B 31 -7.52 -5.05 10.34
CA GLU B 31 -6.95 -5.81 11.45
C GLU B 31 -5.42 -5.86 11.40
N LEU B 32 -4.86 -5.65 10.21
CA LEU B 32 -3.41 -5.79 10.00
C LEU B 32 -2.79 -4.51 9.41
N GLN B 33 -1.64 -4.12 9.96
CA GLN B 33 -0.90 -2.97 9.43
C GLN B 33 -0.60 -3.10 7.93
N THR B 34 -0.29 -4.31 7.50
CA THR B 34 0.05 -4.58 6.11
C THR B 34 -1.12 -4.23 5.21
N ASP B 35 -2.33 -4.53 5.66
CA ASP B 35 -3.54 -4.12 4.96
C ASP B 35 -3.69 -2.61 4.93
N ALA B 36 -3.34 -1.96 6.04
CA ALA B 36 -3.45 -0.51 6.15
C ALA B 36 -2.47 0.19 5.22
N GLU B 37 -1.22 -0.29 5.20
CA GLU B 37 -0.18 0.28 4.38
C GLU B 37 -0.60 0.22 2.93
N LEU B 38 -1.18 -0.91 2.56
CA LEU B 38 -1.60 -1.19 1.21
C LEU B 38 -2.58 -0.12 0.74
N GLN B 39 -3.56 0.18 1.58
CA GLN B 39 -4.52 1.22 1.26
C GLN B 39 -3.93 2.63 1.29
N LEU B 40 -3.00 2.89 2.22
CA LEU B 40 -2.33 4.20 2.31
C LEU B 40 -1.52 4.57 1.08
N THR B 41 -0.90 3.57 0.45
CA THR B 41 -0.05 3.85 -0.69
C THR B 41 -0.86 4.41 -1.85
N THR B 42 -2.15 4.14 -1.87
CA THR B 42 -3.01 4.64 -2.93
C THR B 42 -3.12 6.14 -2.88
N PHE B 43 -2.69 6.72 -1.76
CA PHE B 43 -2.75 8.16 -1.59
C PHE B 43 -1.45 8.85 -1.90
N THR B 44 -0.39 8.09 -2.18
CA THR B 44 0.93 8.66 -2.35
C THR B 44 0.97 9.67 -3.49
N PRO B 45 0.23 9.42 -4.61
CA PRO B 45 0.14 10.48 -5.62
C PRO B 45 -0.39 11.81 -5.06
N LEU B 46 -1.48 11.76 -4.28
CA LEU B 46 -2.10 12.96 -3.69
C LEU B 46 -1.17 13.65 -2.71
N ILE B 47 -0.39 12.85 -1.98
CA ILE B 47 0.58 13.40 -1.03
C ILE B 47 1.66 14.14 -1.82
N GLN B 48 2.11 13.51 -2.90
CA GLN B 48 3.12 14.08 -3.78
C GLN B 48 2.67 15.43 -4.35
N TYR B 49 1.41 15.51 -4.75
CA TYR B 49 0.81 16.71 -5.29
C TYR B 49 0.93 17.91 -4.33
N GLY B 50 0.73 17.69 -3.04
CA GLY B 50 0.97 18.73 -2.02
C GLY B 50 -0.10 19.80 -1.94
N CYS B 51 -1.36 19.38 -1.93
CA CYS B 51 -2.51 20.27 -1.73
C CYS B 51 -2.62 20.72 -0.26
N SER B 52 -2.15 19.88 0.66
CA SER B 52 -2.12 20.22 2.08
C SER B 52 -0.92 19.57 2.74
N SER B 53 -0.15 20.35 3.48
CA SER B 53 1.02 19.86 4.20
C SER B 53 0.63 18.84 5.27
N GLN B 54 -0.65 18.85 5.65
CA GLN B 54 -1.12 18.00 6.73
C GLN B 54 -1.68 16.67 6.26
N LEU B 55 -1.81 16.50 4.94
CA LEU B 55 -2.46 15.33 4.38
C LEU B 55 -1.83 14.04 4.88
N GLN B 56 -0.51 13.97 4.84
CA GLN B 56 0.17 12.76 5.24
C GLN B 56 -0.10 12.39 6.69
N PHE B 57 0.04 13.37 7.58
CA PHE B 57 -0.21 13.14 8.98
C PHE B 57 -1.66 12.71 9.21
N PHE B 58 -2.59 13.41 8.57
CA PHE B 58 -4.01 13.11 8.71
C PHE B 58 -4.32 11.67 8.30
N LEU B 59 -3.75 11.22 7.20
CA LEU B 59 -3.98 9.87 6.72
C LEU B 59 -3.42 8.84 7.67
N CYS B 60 -2.19 9.06 8.13
CA CYS B 60 -1.55 8.16 9.09
C CYS B 60 -2.37 8.08 10.38
N SER B 61 -2.89 9.22 10.81
CA SER B 61 -3.65 9.29 12.04
C SER B 61 -4.94 8.46 11.93
N VAL B 62 -5.40 8.25 10.71
CA VAL B 62 -6.58 7.43 10.45
C VAL B 62 -6.23 5.95 10.29
N TYR B 63 -5.18 5.67 9.54
CA TYR B 63 -4.82 4.31 9.18
C TYR B 63 -3.95 3.62 10.19
N VAL B 64 -3.18 4.42 10.90
CA VAL B 64 -2.26 3.89 11.90
C VAL B 64 -2.38 4.83 13.14
N PRO B 65 -3.58 4.88 13.73
CA PRO B 65 -3.93 5.84 14.78
C PRO B 65 -3.07 5.65 16.03
N MET B 66 -2.84 6.74 16.77
CA MET B 66 -1.97 6.67 17.94
C MET B 66 -2.53 5.75 19.02
N CYS B 67 -1.64 4.93 19.58
CA CYS B 67 -1.95 4.11 20.73
C CYS B 67 -1.13 4.59 21.90
N THR B 68 -1.70 4.53 23.09
CA THR B 68 -0.97 4.81 24.31
C THR B 68 -1.45 3.85 25.40
N GLU B 69 -0.57 3.53 26.34
CA GLU B 69 -0.91 2.60 27.42
C GLU B 69 -2.09 3.03 28.28
N LYS B 70 -2.18 4.33 28.56
CA LYS B 70 -3.23 4.84 29.44
C LYS B 70 -4.63 4.82 28.81
N ILE B 71 -4.69 4.73 27.48
CA ILE B 71 -5.97 4.84 26.77
C ILE B 71 -6.23 3.59 25.94
N ASN B 72 -7.44 3.05 26.06
CA ASN B 72 -7.76 1.84 25.28
C ASN B 72 -8.62 2.09 24.04
N ILE B 73 -8.75 3.33 23.61
CA ILE B 73 -9.27 3.59 22.27
C ILE B 73 -8.14 4.11 21.39
N PRO B 74 -8.19 3.83 20.07
CA PRO B 74 -7.26 4.40 19.12
C PRO B 74 -7.46 5.91 19.03
N ILE B 75 -6.37 6.67 19.01
CA ILE B 75 -6.50 8.12 18.99
C ILE B 75 -6.25 8.66 17.57
N GLY B 76 -7.30 9.23 17.00
CA GLY B 76 -7.23 9.67 15.62
C GLY B 76 -7.16 11.17 15.50
N PRO B 77 -7.50 11.68 14.31
CA PRO B 77 -7.43 13.10 13.99
C PRO B 77 -8.63 13.85 14.56
N CYS B 78 -8.46 15.14 14.83
CA CYS B 78 -9.59 15.97 15.13
C CYS B 78 -10.31 16.37 13.83
N GLY B 79 -11.64 16.45 13.90
CA GLY B 79 -12.46 16.83 12.75
C GLY B 79 -12.08 18.15 12.12
N GLY B 80 -11.41 19.00 12.88
CA GLY B 80 -11.00 20.30 12.38
C GLY B 80 -9.92 20.15 11.34
N MET B 81 -8.91 19.36 11.67
CA MET B 81 -7.85 19.07 10.72
C MET B 81 -8.41 18.38 9.50
N CYS B 82 -9.34 17.45 9.72
CA CYS B 82 -9.97 16.74 8.64
C CYS B 82 -10.61 17.70 7.66
N LEU B 83 -11.31 18.70 8.19
CA LEU B 83 -11.98 19.69 7.34
C LEU B 83 -10.97 20.54 6.60
N SER B 84 -9.92 20.95 7.29
CA SER B 84 -8.86 21.72 6.69
C SER B 84 -8.26 20.97 5.49
N VAL B 85 -7.99 19.68 5.69
CA VAL B 85 -7.41 18.82 4.66
C VAL B 85 -8.38 18.61 3.49
N LYS B 86 -9.63 18.30 3.81
CA LYS B 86 -10.67 18.12 2.80
C LYS B 86 -10.87 19.36 1.95
N ARG B 87 -10.84 20.52 2.60
CA ARG B 87 -11.05 21.80 1.94
C ARG B 87 -10.06 21.95 0.77
N ARG B 88 -8.81 21.59 1.03
CA ARG B 88 -7.76 21.75 0.05
C ARG B 88 -7.67 20.62 -0.98
N CYS B 89 -7.87 19.38 -0.53
CA CYS B 89 -7.63 18.22 -1.38
C CYS B 89 -8.81 17.73 -2.22
N GLU B 90 -10.03 17.84 -1.70
CA GLU B 90 -11.22 17.43 -2.48
C GLU B 90 -11.39 18.10 -3.84
N PRO B 91 -11.14 19.42 -3.96
CA PRO B 91 -11.23 20.01 -5.33
C PRO B 91 -10.29 19.34 -6.32
N VAL B 92 -9.10 18.96 -5.85
CA VAL B 92 -8.12 18.28 -6.68
C VAL B 92 -8.65 16.91 -7.09
N LEU B 93 -9.20 16.17 -6.13
CA LEU B 93 -9.79 14.86 -6.42
C LEU B 93 -10.90 14.94 -7.46
N LYS B 94 -11.75 15.94 -7.31
CA LYS B 94 -12.93 16.04 -8.14
C LYS B 94 -12.56 16.24 -9.60
N GLU B 95 -11.58 17.12 -9.85
CA GLU B 95 -11.18 17.38 -11.22
C GLU B 95 -10.57 16.17 -11.91
N PHE B 96 -10.17 15.15 -11.15
CA PHE B 96 -9.68 13.89 -11.72
C PHE B 96 -10.70 12.79 -11.77
N GLY B 97 -11.95 13.10 -11.43
CA GLY B 97 -13.01 12.10 -11.45
C GLY B 97 -13.05 11.19 -10.24
N PHE B 98 -12.37 11.58 -9.15
CA PHE B 98 -12.51 10.91 -7.88
C PHE B 98 -13.30 11.78 -6.90
N ALA B 99 -13.54 11.24 -5.71
CA ALA B 99 -14.23 11.99 -4.67
C ALA B 99 -13.53 11.83 -3.32
N TRP B 100 -13.87 12.70 -2.37
CA TRP B 100 -13.43 12.54 -0.99
C TRP B 100 -14.01 11.23 -0.45
N PRO B 101 -13.14 10.28 -0.08
CA PRO B 101 -13.66 8.96 0.30
C PRO B 101 -14.51 8.99 1.58
N GLU B 102 -15.53 8.13 1.62
CA GLU B 102 -16.45 8.04 2.75
C GLU B 102 -15.73 7.72 4.04
N SER B 103 -14.80 6.78 3.97
CA SER B 103 -14.01 6.36 5.13
C SER B 103 -13.26 7.53 5.77
N LEU B 104 -13.15 8.63 5.03
CA LEU B 104 -12.63 9.88 5.57
C LEU B 104 -13.69 10.96 5.84
N ASN B 105 -14.98 10.58 5.84
CA ASN B 105 -16.07 11.52 6.23
C ASN B 105 -15.65 12.26 7.49
N CYS B 106 -15.65 13.58 7.46
CA CYS B 106 -15.13 14.33 8.60
C CYS B 106 -16.02 14.26 9.84
N SER B 107 -17.24 13.76 9.67
CA SER B 107 -18.18 13.62 10.77
C SER B 107 -17.77 12.53 11.74
N LYS B 108 -17.09 11.50 11.24
CA LYS B 108 -16.79 10.35 12.07
C LYS B 108 -15.63 10.61 13.01
N PHE B 109 -15.14 11.85 13.01
CA PHE B 109 -14.11 12.25 13.95
C PHE B 109 -14.65 13.28 14.94
N PRO B 110 -14.10 13.28 16.17
CA PRO B 110 -14.45 14.28 17.18
C PRO B 110 -14.05 15.66 16.67
N PRO B 111 -14.86 16.71 16.94
CA PRO B 111 -14.53 18.07 16.43
C PRO B 111 -13.15 18.72 16.81
N GLN B 112 -12.84 18.68 18.10
CA GLN B 112 -11.60 19.28 18.61
C GLN B 112 -11.12 18.48 19.81
N ASN B 113 -9.94 18.81 20.35
CA ASN B 113 -9.48 17.99 21.45
C ASN B 113 -10.15 18.42 22.74
N ASP B 114 -11.21 17.71 23.09
CA ASP B 114 -12.08 18.06 24.22
C ASP B 114 -11.50 17.48 25.48
N HIS B 115 -12.22 17.67 26.59
CA HIS B 115 -12.00 16.84 27.75
C HIS B 115 -13.08 15.77 27.70
N ASN B 116 -13.85 15.80 26.61
CA ASN B 116 -14.88 14.81 26.33
C ASN B 116 -14.55 13.83 25.19
N HIS B 117 -13.57 14.17 24.37
CA HIS B 117 -13.00 13.24 23.38
C HIS B 117 -11.55 13.62 23.12
N MET B 118 -10.71 12.63 22.90
CA MET B 118 -9.33 12.91 22.56
C MET B 118 -9.05 12.68 21.09
N CYS B 119 -8.29 13.59 20.51
CA CYS B 119 -7.87 13.48 19.11
C CYS B 119 -6.69 14.41 18.90
N MET B 120 -5.97 14.21 17.81
CA MET B 120 -4.81 15.05 17.51
C MET B 120 -5.19 16.12 16.50
N GLU B 121 -4.79 17.37 16.73
CA GLU B 121 -4.87 18.40 15.67
C GLU B 121 -3.51 18.89 15.22
N GLY B 122 -2.99 18.27 14.17
CA GLY B 122 -1.63 18.50 13.73
C GLY B 122 -0.61 17.60 14.40
N PRO B 123 0.65 17.66 13.93
CA PRO B 123 1.74 16.88 14.54
C PRO B 123 1.99 17.29 15.98
N GLY B 124 1.12 16.83 16.87
CA GLY B 124 1.28 17.05 18.30
C GLY B 124 0.74 15.87 19.07
N ASP B 125 1.46 15.49 20.14
CA ASP B 125 1.22 14.23 20.84
C ASP B 125 0.93 13.13 19.85
C1 NAG C . 0.80 -18.30 -22.54
C2 NAG C . 0.06 -18.25 -23.88
C3 NAG C . 0.23 -19.56 -24.66
C4 NAG C . 1.71 -19.95 -24.71
C5 NAG C . 2.34 -19.89 -23.31
C6 NAG C . 3.84 -20.20 -23.39
C7 NAG C . -2.09 -18.59 -22.80
C8 NAG C . -3.49 -18.07 -22.69
N2 NAG C . -1.33 -17.94 -23.67
O3 NAG C . -0.25 -19.40 -25.97
O4 NAG C . 1.84 -21.26 -25.23
O5 NAG C . 2.16 -18.62 -22.76
O6 NAG C . 4.47 -19.44 -24.40
O7 NAG C . -1.66 -19.55 -22.17
C1 NAG C . 2.13 -21.21 -26.63
C2 NAG C . 2.15 -22.63 -27.21
C3 NAG C . 2.51 -22.60 -28.68
C4 NAG C . 1.56 -21.65 -29.42
C5 NAG C . 1.48 -20.29 -28.71
C6 NAG C . 0.42 -19.39 -29.35
C7 NAG C . 2.55 -24.29 -25.49
C8 NAG C . 3.58 -25.12 -24.76
N2 NAG C . 3.05 -23.48 -26.44
O3 NAG C . 2.40 -23.90 -29.24
O4 NAG C . 1.96 -21.47 -30.77
O5 NAG C . 1.17 -20.45 -27.34
O6 NAG C . -0.74 -20.14 -29.61
O7 NAG C . 1.35 -24.37 -25.22
C1 NAG D . 16.04 -3.72 3.54
C2 NAG D . 16.81 -2.84 4.52
C3 NAG D . 17.63 -3.69 5.51
C4 NAG D . 16.71 -4.70 6.18
C5 NAG D . 16.02 -5.56 5.11
C6 NAG D . 15.04 -6.58 5.71
C7 NAG D . 17.10 -0.89 3.13
C8 NAG D . 18.05 0.00 2.37
N2 NAG D . 17.64 -1.93 3.76
O3 NAG D . 18.23 -2.85 6.47
O4 NAG D . 17.41 -5.54 7.07
O5 NAG D . 15.31 -4.71 4.24
O6 NAG D . 15.37 -6.93 7.04
O7 NAG D . 15.89 -0.65 3.15
C1 NAG E . 10.40 6.28 19.51
C2 NAG E . 10.49 7.19 20.79
C3 NAG E . 11.43 6.59 21.88
C4 NAG E . 11.05 5.11 22.09
C5 NAG E . 10.97 4.36 20.74
C6 NAG E . 10.57 2.89 20.92
C7 NAG E . 10.26 9.65 21.08
C8 NAG E . 10.74 10.90 20.45
N2 NAG E . 10.76 8.58 20.47
O3 NAG E . 11.30 7.31 23.09
O4 NAG E . 11.97 4.50 22.95
O5 NAG E . 10.05 4.98 19.88
O6 NAG E . 11.71 2.15 21.34
O7 NAG E . 9.54 9.67 22.10
C1 NAG F . -21.14 11.78 6.80
C2 NAG F . -21.84 11.76 5.42
C3 NAG F . -23.15 12.56 5.51
C4 NAG F . -24.03 12.03 6.68
C5 NAG F . -23.20 11.93 7.97
C6 NAG F . -24.00 11.26 9.07
C7 NAG F . -20.76 13.68 4.31
C8 NAG F . -20.38 14.43 5.56
N2 NAG F . -21.25 12.48 4.35
O3 NAG F . -23.91 12.56 4.30
O4 NAG F . -25.14 12.87 6.88
O5 NAG F . -22.00 11.18 7.74
O6 NAG F . -25.32 10.99 8.63
O7 NAG F . -20.51 14.03 3.20
#